data_6RA5
#
_entry.id   6RA5
#
_cell.length_a   53.793
_cell.length_b   53.793
_cell.length_c   253.363
_cell.angle_alpha   90.00
_cell.angle_beta   90.00
_cell.angle_gamma   120.00
#
_symmetry.space_group_name_H-M   'P 32'
#
loop_
_entity.id
_entity.type
_entity.pdbx_description
1 polymer 'TRAF2 and NCK-interacting protein kinase'
2 non-polymer 5-bromanyl-2-(2-fluoranylpyridin-4-yl)-1,7-naphthyridin-8-amine
3 non-polymer 'MAGNESIUM ION'
4 water water
#
_entity_poly.entity_id   1
_entity_poly.type   'polypeptide(L)'
_entity_poly.pdbx_seq_one_letter_code
;GSDEIDLSALRDPAGIFELVELVGNGTYGQVYKGRHVKTGQLAAIKVMDVTGDEEEEIKQEINMLKKYSHHRNIATYYGA
FIKKNPPGMDDQLWLVMEFCGAGSVTDLIKNTKGNTLKEEWIAYICREILRGLSHLHQHKVIHRDIKGQNVLLTENAEVK
LVDFGVSAQLDR(TPO)VGRRN(TPO)FIGTPYWMAPEVIACDENPDATYDFKSDLWSLGITAIEMAEGAPPLCDMHPMR
ALFLIPRNPAPRLKSKKWSKKFQSFIESCLVKNHSQRPATEQLMKHPFIRDQPNERQVRIQLKDHIDRTKKKRG
;
_entity_poly.pdbx_strand_id   A,B
#
loop_
_chem_comp.id
_chem_comp.type
_chem_comp.name
_chem_comp.formula
JWE non-polymer 5-bromanyl-2-(2-fluoranylpyridin-4-yl)-1,7-naphthyridin-8-amine 'C13 H8 Br F N4'
MG non-polymer 'MAGNESIUM ION' 'Mg 2'
#
# COMPACT_ATOMS: atom_id res chain seq x y z
N GLU A 4 -10.89 -25.38 -6.42
CA GLU A 4 -12.03 -24.52 -6.71
C GLU A 4 -12.32 -23.51 -5.57
N ILE A 5 -13.39 -22.69 -5.73
CA ILE A 5 -13.87 -21.70 -4.74
C ILE A 5 -15.35 -22.00 -4.45
N ASP A 6 -15.79 -21.73 -3.20
CA ASP A 6 -17.18 -21.88 -2.79
C ASP A 6 -17.71 -20.48 -2.51
N LEU A 7 -18.71 -20.05 -3.29
CA LEU A 7 -19.32 -18.72 -3.16
C LEU A 7 -20.15 -18.59 -1.88
N SER A 8 -20.84 -19.67 -1.48
CA SER A 8 -21.67 -19.70 -0.27
C SER A 8 -20.85 -19.54 1.02
N ALA A 9 -19.52 -19.73 0.92
CA ALA A 9 -18.58 -19.58 2.02
C ALA A 9 -18.17 -18.12 2.24
N LEU A 10 -18.56 -17.19 1.33
CA LEU A 10 -18.20 -15.77 1.41
C LEU A 10 -19.13 -14.97 2.32
N ARG A 11 -18.55 -14.23 3.27
CA ARG A 11 -19.29 -13.41 4.24
C ARG A 11 -19.87 -12.12 3.63
N ASP A 12 -20.83 -11.50 4.36
CA ASP A 12 -21.46 -10.22 4.00
C ASP A 12 -20.42 -9.15 4.29
N PRO A 13 -20.27 -8.15 3.40
CA PRO A 13 -19.25 -7.11 3.62
C PRO A 13 -19.57 -6.13 4.72
N ALA A 14 -20.79 -6.24 5.34
CA ALA A 14 -21.36 -5.44 6.43
C ALA A 14 -20.52 -4.28 6.86
N GLY A 15 -19.83 -4.43 8.00
CA GLY A 15 -18.96 -3.40 8.56
C GLY A 15 -17.49 -3.60 8.29
N ILE A 16 -17.15 -4.39 7.24
CA ILE A 16 -15.79 -4.69 6.81
C ILE A 16 -15.38 -3.64 5.77
N PHE A 17 -16.16 -3.53 4.66
CA PHE A 17 -15.96 -2.57 3.56
C PHE A 17 -17.27 -1.88 3.29
N GLU A 18 -17.20 -0.71 2.64
CA GLU A 18 -18.39 0.04 2.26
C GLU A 18 -18.16 0.76 0.93
N LEU A 19 -19.23 0.91 0.15
CA LEU A 19 -19.17 1.59 -1.15
C LEU A 19 -19.21 3.12 -0.92
N VAL A 20 -18.36 3.87 -1.62
CA VAL A 20 -18.25 5.33 -1.47
C VAL A 20 -18.95 6.06 -2.64
N GLU A 21 -18.50 5.82 -3.90
CA GLU A 21 -19.11 6.42 -5.09
C GLU A 21 -18.92 5.55 -6.32
N LEU A 22 -19.83 5.65 -7.31
CA LEU A 22 -19.74 4.85 -8.52
C LEU A 22 -18.68 5.38 -9.49
N VAL A 23 -17.65 4.58 -9.74
CA VAL A 23 -16.55 4.87 -10.65
C VAL A 23 -17.04 4.68 -12.10
N GLY A 24 -17.69 3.54 -12.36
CA GLY A 24 -18.22 3.22 -13.67
C GLY A 24 -18.79 1.81 -13.79
N ASN A 25 -18.67 1.23 -15.00
CA ASN A 25 -19.15 -0.12 -15.35
C ASN A 25 -18.01 -1.02 -15.83
N GLY A 26 -18.24 -2.33 -15.78
CA GLY A 26 -17.30 -3.37 -16.21
C GLY A 26 -17.99 -4.52 -16.92
N THR A 27 -17.32 -5.71 -16.96
CA THR A 27 -17.87 -6.91 -17.62
C THR A 27 -19.08 -7.49 -16.87
N GLY A 29 -20.97 -6.11 -14.71
CA GLY A 29 -21.05 -5.59 -13.36
C GLY A 29 -20.52 -4.16 -13.20
N GLN A 30 -20.86 -3.49 -12.08
CA GLN A 30 -20.39 -2.12 -11.77
C GLN A 30 -19.02 -2.14 -11.08
N VAL A 31 -18.35 -0.96 -10.99
CA VAL A 31 -17.06 -0.72 -10.31
C VAL A 31 -17.20 0.54 -9.45
N TYR A 32 -17.04 0.38 -8.13
CA TYR A 32 -17.19 1.40 -7.11
C TYR A 32 -15.87 1.81 -6.47
N LYS A 33 -15.81 3.07 -6.03
CA LYS A 33 -14.75 3.64 -5.20
C LYS A 33 -15.32 3.20 -3.85
N GLY A 34 -14.61 2.37 -3.14
CA GLY A 34 -15.05 1.87 -1.84
C GLY A 34 -14.01 2.11 -0.77
N ARG A 35 -14.33 1.86 0.51
CA ARG A 35 -13.35 2.07 1.59
C ARG A 35 -13.40 1.02 2.67
N HIS A 36 -12.23 0.64 3.22
CA HIS A 36 -12.11 -0.32 4.34
C HIS A 36 -12.57 0.48 5.55
N VAL A 37 -13.68 0.06 6.19
CA VAL A 37 -14.33 0.78 7.30
C VAL A 37 -13.32 1.30 8.35
N LYS A 38 -12.74 0.36 9.14
CA LYS A 38 -11.79 0.62 10.23
C LYS A 38 -10.60 1.55 9.86
N THR A 39 -9.95 1.29 8.72
CA THR A 39 -8.74 2.02 8.31
C THR A 39 -8.98 3.26 7.44
N GLY A 40 -10.11 3.33 6.76
CA GLY A 40 -10.44 4.45 5.88
C GLY A 40 -9.71 4.38 4.55
N GLN A 41 -8.97 3.28 4.34
CA GLN A 41 -8.18 3.02 3.16
C GLN A 41 -9.08 2.65 1.98
N LEU A 42 -8.88 3.37 0.86
CA LEU A 42 -9.65 3.16 -0.36
C LEU A 42 -9.40 1.81 -1.06
N ALA A 43 -10.43 1.30 -1.74
CA ALA A 43 -10.42 0.06 -2.53
C ALA A 43 -11.39 0.24 -3.70
N ALA A 44 -11.23 -0.52 -4.80
CA ALA A 44 -12.21 -0.50 -5.89
C ALA A 44 -13.01 -1.78 -5.67
N ILE A 45 -14.35 -1.66 -5.73
CA ILE A 45 -15.25 -2.78 -5.48
C ILE A 45 -16.09 -3.08 -6.71
N LYS A 46 -15.91 -4.29 -7.26
CA LYS A 46 -16.64 -4.77 -8.42
C LYS A 46 -17.95 -5.47 -7.97
N VAL A 47 -19.06 -4.73 -8.03
CA VAL A 47 -20.36 -5.26 -7.63
C VAL A 47 -21.05 -5.93 -8.79
N MET A 48 -21.15 -7.25 -8.74
CA MET A 48 -21.85 -8.01 -9.78
C MET A 48 -22.88 -9.00 -9.21
N ASP A 49 -24.07 -9.08 -9.85
CA ASP A 49 -25.18 -9.95 -9.45
C ASP A 49 -24.89 -11.43 -9.67
N VAL A 50 -25.29 -12.27 -8.69
CA VAL A 50 -25.11 -13.72 -8.76
C VAL A 50 -26.21 -14.34 -9.64
N THR A 51 -25.77 -15.05 -10.67
CA THR A 51 -26.65 -15.72 -11.64
C THR A 51 -25.92 -17.00 -11.97
N GLY A 52 -26.68 -18.02 -12.35
CA GLY A 52 -26.11 -19.30 -12.75
C GLY A 52 -25.48 -19.22 -14.13
N ASP A 53 -25.85 -18.16 -14.88
CA ASP A 53 -25.36 -17.88 -16.24
C ASP A 53 -23.92 -17.32 -16.18
N GLU A 54 -23.69 -16.31 -15.32
CA GLU A 54 -22.39 -15.70 -15.15
C GLU A 54 -21.50 -16.46 -14.13
N GLU A 55 -22.09 -17.45 -13.40
CA GLU A 55 -21.42 -18.27 -12.37
C GLU A 55 -20.09 -18.88 -12.82
N GLU A 56 -20.04 -19.45 -14.03
CA GLU A 56 -18.85 -20.07 -14.61
C GLU A 56 -17.73 -19.04 -14.80
N GLU A 57 -18.10 -17.80 -15.20
CA GLU A 57 -17.20 -16.66 -15.42
C GLU A 57 -16.74 -15.99 -14.10
N ILE A 58 -17.67 -15.82 -13.14
CA ILE A 58 -17.43 -15.22 -11.81
C ILE A 58 -16.35 -16.03 -11.06
N LYS A 59 -16.52 -17.38 -11.05
CA LYS A 59 -15.62 -18.35 -10.42
C LYS A 59 -14.15 -18.22 -10.90
N GLN A 60 -13.95 -18.10 -12.24
CA GLN A 60 -12.62 -17.97 -12.86
C GLN A 60 -11.94 -16.66 -12.49
N GLU A 61 -12.67 -15.53 -12.54
CA GLU A 61 -12.16 -14.20 -12.20
C GLU A 61 -11.66 -14.11 -10.76
N ILE A 62 -12.42 -14.68 -9.81
CA ILE A 62 -12.02 -14.69 -8.41
C ILE A 62 -10.76 -15.57 -8.26
N ASN A 63 -10.70 -16.70 -9.00
CA ASN A 63 -9.58 -17.66 -9.02
C ASN A 63 -8.27 -17.00 -9.48
N MET A 64 -8.35 -16.28 -10.63
CA MET A 64 -7.25 -15.54 -11.27
C MET A 64 -6.76 -14.46 -10.36
N LEU A 65 -7.69 -13.68 -9.78
CA LEU A 65 -7.39 -12.60 -8.85
C LEU A 65 -6.69 -13.09 -7.59
N LYS A 66 -7.20 -14.15 -6.95
CA LYS A 66 -6.55 -14.68 -5.74
C LYS A 66 -5.13 -15.17 -6.02
N LYS A 67 -4.93 -15.88 -7.13
CA LYS A 67 -3.65 -16.48 -7.53
C LYS A 67 -2.55 -15.55 -8.01
N TYR A 68 -2.85 -14.56 -8.88
CA TYR A 68 -1.79 -13.78 -9.51
C TYR A 68 -1.77 -12.29 -9.21
N SER A 69 -2.79 -11.71 -8.55
CA SER A 69 -2.80 -10.28 -8.27
C SER A 69 -1.67 -9.79 -7.31
N HIS A 70 -0.82 -10.74 -6.84
CA HIS A 70 0.29 -10.41 -5.96
C HIS A 70 1.38 -9.55 -6.65
N HIS A 71 1.67 -9.79 -7.93
CA HIS A 71 2.64 -9.00 -8.73
C HIS A 71 2.27 -7.51 -8.72
N ARG A 72 3.30 -6.66 -8.67
CA ARG A 72 3.26 -5.19 -8.59
C ARG A 72 2.60 -4.50 -9.76
N ASN A 73 2.50 -5.17 -10.92
CA ASN A 73 1.87 -4.62 -12.13
C ASN A 73 0.45 -5.15 -12.33
N ILE A 74 -0.11 -5.80 -11.30
CA ILE A 74 -1.46 -6.33 -11.30
C ILE A 74 -2.20 -5.82 -10.06
N ALA A 75 -3.35 -5.09 -10.27
CA ALA A 75 -4.19 -4.54 -9.18
C ALA A 75 -4.64 -5.71 -8.30
N THR A 76 -4.13 -5.68 -7.08
CA THR A 76 -4.20 -6.71 -6.05
C THR A 76 -5.61 -6.96 -5.48
N TYR A 77 -5.94 -8.26 -5.32
CA TYR A 77 -7.17 -8.80 -4.74
C TYR A 77 -7.10 -8.65 -3.22
N TYR A 78 -8.13 -8.02 -2.62
CA TYR A 78 -8.24 -7.85 -1.17
C TYR A 78 -9.19 -8.87 -0.57
N GLY A 79 -10.09 -9.38 -1.38
CA GLY A 79 -11.08 -10.37 -0.95
C GLY A 79 -12.39 -10.28 -1.70
N ALA A 80 -13.26 -11.27 -1.49
CA ALA A 80 -14.60 -11.31 -2.07
C ALA A 80 -15.65 -11.39 -0.95
N PHE A 81 -16.85 -10.87 -1.22
CA PHE A 81 -17.94 -10.86 -0.25
C PHE A 81 -19.24 -11.06 -0.98
N ILE A 82 -20.29 -11.50 -0.29
CA ILE A 82 -21.61 -11.65 -0.91
C ILE A 82 -22.66 -10.93 -0.06
N LYS A 83 -23.24 -9.84 -0.61
CA LYS A 83 -24.31 -9.10 0.05
C LYS A 83 -25.59 -9.87 -0.25
N LYS A 84 -26.22 -10.43 0.80
CA LYS A 84 -27.43 -11.23 0.69
C LYS A 84 -28.65 -10.32 0.70
N ASN A 85 -29.51 -10.49 -0.33
CA ASN A 85 -30.68 -9.65 -0.60
C ASN A 85 -32.06 -10.30 -0.45
N PRO A 86 -33.11 -9.46 -0.18
CA PRO A 86 -34.49 -9.97 -0.01
C PRO A 86 -35.03 -10.78 -1.17
N PRO A 87 -36.20 -11.43 -1.06
CA PRO A 87 -36.67 -12.26 -2.18
C PRO A 87 -36.92 -11.49 -3.50
N GLY A 88 -37.05 -10.17 -3.40
CA GLY A 88 -37.23 -9.27 -4.54
C GLY A 88 -35.99 -9.10 -5.42
N MET A 89 -34.83 -8.85 -4.77
CA MET A 89 -33.52 -8.63 -5.39
C MET A 89 -32.63 -9.87 -5.50
N ASP A 90 -31.62 -9.81 -6.39
CA ASP A 90 -30.56 -10.80 -6.65
C ASP A 90 -29.41 -10.55 -5.67
N ASP A 91 -28.76 -11.62 -5.17
CA ASP A 91 -27.60 -11.44 -4.27
C ASP A 91 -26.46 -10.90 -5.13
N GLN A 92 -25.74 -9.91 -4.61
CA GLN A 92 -24.61 -9.33 -5.35
C GLN A 92 -23.28 -9.63 -4.65
N LEU A 93 -22.31 -10.12 -5.43
CA LEU A 93 -20.98 -10.46 -4.96
C LEU A 93 -20.05 -9.28 -5.25
N TRP A 94 -19.17 -8.97 -4.27
CA TRP A 94 -18.22 -7.87 -4.31
C TRP A 94 -16.82 -8.44 -4.45
N LEU A 95 -16.04 -7.91 -5.39
CA LEU A 95 -14.65 -8.28 -5.58
C LEU A 95 -13.92 -7.05 -5.15
N VAL A 96 -13.16 -7.17 -4.09
CA VAL A 96 -12.44 -6.04 -3.53
C VAL A 96 -11.00 -6.13 -3.99
N MET A 97 -10.49 -5.02 -4.51
CA MET A 97 -9.15 -4.95 -5.06
C MET A 97 -8.57 -3.57 -4.85
N GLU A 98 -7.28 -3.43 -5.17
CA GLU A 98 -6.50 -2.21 -5.11
C GLU A 98 -7.12 -1.10 -5.92
N PHE A 99 -7.39 0.04 -5.28
CA PHE A 99 -7.93 1.23 -5.93
C PHE A 99 -6.80 1.96 -6.63
N CYS A 100 -6.96 2.16 -7.94
CA CYS A 100 -6.00 2.87 -8.78
C CYS A 100 -6.58 4.24 -9.09
N GLY A 101 -6.20 5.18 -8.23
CA GLY A 101 -6.67 6.55 -8.17
C GLY A 101 -6.76 7.36 -9.44
N ALA A 102 -5.66 7.36 -10.25
CA ALA A 102 -5.54 8.15 -11.48
C ALA A 102 -6.40 7.68 -12.68
N GLY A 103 -7.02 6.52 -12.57
CA GLY A 103 -7.84 6.00 -13.67
C GLY A 103 -7.06 5.28 -14.74
N SER A 104 -7.71 5.05 -15.90
CA SER A 104 -7.11 4.32 -17.01
C SER A 104 -6.21 5.14 -17.91
N VAL A 105 -5.36 4.45 -18.67
CA VAL A 105 -4.46 4.97 -19.68
C VAL A 105 -5.36 5.64 -20.72
N THR A 106 -6.44 4.97 -21.18
CA THR A 106 -7.46 5.48 -22.11
C THR A 106 -8.00 6.86 -21.70
N ASP A 107 -8.31 7.04 -20.38
CA ASP A 107 -8.81 8.30 -19.82
C ASP A 107 -7.73 9.40 -19.89
N LEU A 108 -6.49 9.05 -19.44
CA LEU A 108 -5.32 9.93 -19.48
C LEU A 108 -5.10 10.49 -20.86
N ILE A 109 -5.28 9.66 -21.89
CA ILE A 109 -5.14 10.09 -23.28
C ILE A 109 -6.26 11.09 -23.62
N LYS A 110 -7.52 10.74 -23.28
CA LYS A 110 -8.69 11.60 -23.52
C LYS A 110 -8.45 12.98 -22.90
N ASN A 111 -8.04 13.04 -21.61
CA ASN A 111 -7.75 14.28 -20.88
C ASN A 111 -6.32 14.81 -21.10
N THR A 112 -5.84 14.78 -22.35
CA THR A 112 -4.50 15.24 -22.74
C THR A 112 -4.55 15.96 -24.07
N LYS A 113 -3.97 17.17 -24.12
CA LYS A 113 -3.85 18.02 -25.30
C LYS A 113 -3.15 17.21 -26.40
N GLY A 114 -3.83 17.04 -27.53
CA GLY A 114 -3.33 16.27 -28.67
C GLY A 114 -3.73 14.80 -28.64
N ASN A 115 -4.12 14.29 -27.43
CA ASN A 115 -4.51 12.89 -27.16
C ASN A 115 -3.38 11.93 -27.49
N THR A 116 -2.18 12.33 -27.10
CA THR A 116 -0.95 11.61 -27.34
C THR A 116 -0.15 11.70 -26.06
N LEU A 117 0.70 10.73 -25.82
CA LEU A 117 1.55 10.75 -24.63
C LEU A 117 3.00 10.89 -25.06
N LYS A 118 3.84 11.39 -24.16
CA LYS A 118 5.27 11.54 -24.41
C LYS A 118 5.87 10.13 -24.56
N GLU A 119 6.65 9.89 -25.62
CA GLU A 119 7.24 8.57 -25.89
C GLU A 119 7.85 7.90 -24.64
N GLU A 120 8.48 8.70 -23.75
CA GLU A 120 9.09 8.31 -22.49
C GLU A 120 8.06 7.61 -21.60
N TRP A 121 6.82 8.15 -21.56
CA TRP A 121 5.70 7.60 -20.80
C TRP A 121 5.23 6.30 -21.45
N ILE A 122 5.09 6.27 -22.80
CA ILE A 122 4.66 5.06 -23.52
C ILE A 122 5.64 3.92 -23.22
N ALA A 123 6.98 4.18 -23.27
CA ALA A 123 8.02 3.19 -22.95
C ALA A 123 7.91 2.71 -21.50
N TYR A 124 7.67 3.65 -20.56
CA TYR A 124 7.51 3.35 -19.14
C TYR A 124 6.27 2.45 -18.95
N ILE A 125 5.09 2.93 -19.40
CA ILE A 125 3.82 2.23 -19.30
C ILE A 125 3.91 0.83 -19.94
N CYS A 126 4.37 0.74 -21.21
CA CYS A 126 4.53 -0.53 -21.94
C CYS A 126 5.36 -1.54 -21.16
N ARG A 127 6.45 -1.07 -20.53
CA ARG A 127 7.35 -1.91 -19.74
C ARG A 127 6.57 -2.56 -18.61
N GLU A 128 5.87 -1.74 -17.83
CA GLU A 128 5.03 -2.21 -16.72
C GLU A 128 4.00 -3.27 -17.19
N ILE A 129 3.36 -3.06 -18.37
CA ILE A 129 2.42 -4.01 -18.94
C ILE A 129 3.18 -5.29 -19.25
N LEU A 130 4.38 -5.17 -19.88
CA LEU A 130 5.18 -6.33 -20.22
C LEU A 130 5.61 -7.11 -19.00
N ARG A 131 6.02 -6.42 -17.90
CA ARG A 131 6.38 -7.02 -16.62
C ARG A 131 5.18 -7.82 -16.07
N GLY A 132 4.00 -7.18 -16.07
CA GLY A 132 2.73 -7.76 -15.63
C GLY A 132 2.31 -8.97 -16.44
N LEU A 133 2.50 -8.93 -17.76
CA LEU A 133 2.15 -10.03 -18.67
C LEU A 133 3.14 -11.17 -18.53
N SER A 134 4.44 -10.85 -18.38
CA SER A 134 5.48 -11.87 -18.18
C SER A 134 5.15 -12.70 -16.95
N HIS A 135 4.64 -12.05 -15.89
CA HIS A 135 4.19 -12.71 -14.67
C HIS A 135 3.13 -13.72 -15.00
N LEU A 136 2.06 -13.28 -15.69
CA LEU A 136 0.91 -14.07 -16.10
C LEU A 136 1.31 -15.24 -17.01
N HIS A 137 2.06 -14.96 -18.08
CA HIS A 137 2.48 -15.95 -19.06
C HIS A 137 3.35 -17.03 -18.46
N GLN A 138 4.30 -16.64 -17.59
CA GLN A 138 5.15 -17.59 -16.87
C GLN A 138 4.29 -18.51 -15.99
N HIS A 139 3.10 -18.03 -15.57
CA HIS A 139 2.14 -18.76 -14.76
C HIS A 139 1.03 -19.44 -15.61
N LYS A 140 1.27 -19.60 -16.95
CA LYS A 140 0.35 -20.23 -17.92
C LYS A 140 -1.06 -19.53 -18.00
N VAL A 141 -1.04 -18.17 -18.04
CA VAL A 141 -2.23 -17.32 -18.07
C VAL A 141 -2.25 -16.36 -19.26
N ILE A 142 -3.34 -16.37 -20.06
CA ILE A 142 -3.56 -15.44 -21.17
C ILE A 142 -4.61 -14.46 -20.66
N HIS A 143 -4.34 -13.13 -20.70
CA HIS A 143 -5.26 -12.08 -20.22
C HIS A 143 -6.51 -11.99 -21.09
N ARG A 144 -6.31 -11.95 -22.43
CA ARG A 144 -7.32 -11.95 -23.50
C ARG A 144 -8.10 -10.61 -23.67
N ASP A 145 -7.79 -9.56 -22.89
CA ASP A 145 -8.46 -8.27 -22.99
C ASP A 145 -7.52 -7.10 -22.63
N ILE A 146 -6.31 -7.12 -23.21
CA ILE A 146 -5.39 -6.05 -22.98
C ILE A 146 -5.82 -4.89 -23.86
N LYS A 147 -6.10 -3.72 -23.23
CA LYS A 147 -6.52 -2.44 -23.82
C LYS A 147 -6.26 -1.30 -22.82
N GLY A 148 -6.21 -0.07 -23.29
CA GLY A 148 -5.93 1.07 -22.41
C GLY A 148 -6.90 1.21 -21.26
N GLN A 149 -8.14 0.71 -21.45
CA GLN A 149 -9.21 0.74 -20.46
C GLN A 149 -8.96 -0.22 -19.35
N ASN A 150 -8.10 -1.23 -19.60
CA ASN A 150 -7.74 -2.24 -18.61
C ASN A 150 -6.33 -2.08 -18.04
N VAL A 151 -5.67 -0.94 -18.35
CA VAL A 151 -4.33 -0.58 -17.85
C VAL A 151 -4.56 0.69 -17.04
N LEU A 152 -4.44 0.56 -15.71
CA LEU A 152 -4.76 1.58 -14.73
C LEU A 152 -3.56 2.24 -14.10
N LEU A 153 -3.77 3.46 -13.56
CA LEU A 153 -2.70 4.24 -12.91
C LEU A 153 -3.09 4.59 -11.48
N THR A 154 -2.15 4.42 -10.55
CA THR A 154 -2.39 4.74 -9.14
C THR A 154 -2.10 6.23 -8.97
N GLU A 155 -2.27 6.76 -7.74
CA GLU A 155 -2.01 8.18 -7.43
C GLU A 155 -0.57 8.56 -7.69
N ASN A 156 0.36 7.59 -7.54
CA ASN A 156 1.81 7.74 -7.74
C ASN A 156 2.28 7.30 -9.13
N ALA A 157 1.35 7.31 -10.11
CA ALA A 157 1.53 6.93 -11.50
C ALA A 157 2.23 5.56 -11.69
N GLU A 158 1.74 4.53 -10.95
CA GLU A 158 2.23 3.16 -11.07
C GLU A 158 1.22 2.43 -11.95
N VAL A 159 1.72 1.52 -12.80
CA VAL A 159 0.88 0.84 -13.77
C VAL A 159 0.39 -0.51 -13.27
N LYS A 160 -0.98 -0.69 -13.26
CA LYS A 160 -1.67 -1.90 -12.80
C LYS A 160 -2.62 -2.43 -13.85
N LEU A 161 -2.63 -3.78 -14.04
CA LEU A 161 -3.53 -4.48 -14.99
C LEU A 161 -4.81 -4.91 -14.28
N VAL A 162 -5.96 -4.85 -14.99
CA VAL A 162 -7.27 -5.22 -14.42
C VAL A 162 -8.10 -6.10 -15.35
N ASP A 163 -9.24 -6.60 -14.83
CA ASP A 163 -10.25 -7.42 -15.51
C ASP A 163 -9.74 -8.77 -15.97
N PHE A 164 -9.96 -9.79 -15.14
CA PHE A 164 -9.58 -11.18 -15.41
C PHE A 164 -10.79 -11.97 -15.89
N GLY A 165 -11.90 -11.26 -16.12
CA GLY A 165 -13.18 -11.79 -16.56
C GLY A 165 -13.22 -12.59 -17.85
N VAL A 166 -12.19 -12.42 -18.72
CA VAL A 166 -12.09 -13.14 -20.00
C VAL A 166 -10.76 -13.91 -20.12
N SER A 167 -9.97 -13.94 -19.02
CA SER A 167 -8.69 -14.66 -18.91
C SER A 167 -8.75 -16.16 -19.16
N ALA A 168 -7.58 -16.79 -19.42
CA ALA A 168 -7.43 -18.21 -19.64
C ALA A 168 -6.38 -18.83 -18.74
N GLN A 169 -6.72 -20.00 -18.20
CA GLN A 169 -5.84 -20.78 -17.34
C GLN A 169 -5.47 -22.02 -18.15
N LEU A 170 -4.29 -21.97 -18.80
CA LEU A 170 -3.79 -23.09 -19.60
C LEU A 170 -3.21 -24.17 -18.64
N ASP A 171 -3.18 -25.45 -19.07
CA ASP A 171 -2.65 -26.54 -18.23
C ASP A 171 -1.14 -26.73 -18.46
N ARG A 172 -0.75 -27.17 -19.67
CA ARG A 172 0.64 -27.36 -20.08
C ARG A 172 1.24 -26.05 -20.59
N TPO A 173 2.58 -25.95 -20.57
CA TPO A 173 3.33 -24.77 -21.05
CB TPO A 173 4.75 -24.71 -20.46
CG2 TPO A 173 5.19 -23.23 -20.37
OG1 TPO A 173 4.74 -25.26 -19.10
P TPO A 173 5.44 -26.66 -18.89
O1P TPO A 173 5.19 -27.72 -20.01
O2P TPO A 173 4.79 -27.04 -17.54
O3P TPO A 173 6.96 -26.48 -18.76
C TPO A 173 3.25 -24.71 -22.59
O TPO A 173 3.26 -23.61 -23.17
N VAL A 174 3.10 -25.90 -23.25
CA VAL A 174 2.92 -26.04 -24.69
C VAL A 174 1.39 -26.01 -25.06
N GLY A 175 0.56 -25.65 -24.07
CA GLY A 175 -0.89 -25.57 -24.19
C GLY A 175 -1.37 -24.42 -25.04
N ARG A 176 -2.49 -24.63 -25.76
CA ARG A 176 -3.12 -23.63 -26.63
C ARG A 176 -4.59 -23.46 -26.24
N ARG A 177 -5.29 -22.45 -26.81
CA ARG A 177 -6.70 -22.16 -26.56
C ARG A 177 -7.33 -21.67 -27.87
N ASN A 178 -8.67 -21.63 -28.01
CA ASN A 178 -9.34 -21.21 -29.26
C ASN A 178 -10.78 -20.68 -29.04
N TPO A 179 -10.97 -19.87 -27.97
CA TPO A 179 -12.32 -19.43 -27.58
CB TPO A 179 -12.36 -19.11 -26.06
CG2 TPO A 179 -13.63 -18.48 -25.48
OG1 TPO A 179 -12.55 -20.41 -25.47
P TPO A 179 -11.40 -21.09 -24.73
O1P TPO A 179 -11.69 -22.63 -24.92
O2P TPO A 179 -10.10 -20.61 -25.39
O3P TPO A 179 -11.43 -20.67 -23.28
C TPO A 179 -12.89 -18.27 -28.42
O TPO A 179 -14.09 -18.33 -28.72
N PHE A 180 -12.09 -17.26 -28.81
CA PHE A 180 -12.60 -16.07 -29.50
C PHE A 180 -13.36 -15.17 -28.50
N ILE A 181 -12.59 -14.33 -27.76
CA ILE A 181 -13.07 -13.34 -26.78
C ILE A 181 -12.08 -12.22 -26.65
N GLY A 182 -12.61 -11.01 -26.49
CA GLY A 182 -11.81 -9.79 -26.33
C GLY A 182 -12.49 -8.54 -26.85
N THR A 183 -11.72 -7.52 -27.16
CA THR A 183 -12.27 -6.28 -27.71
C THR A 183 -11.78 -6.18 -29.14
N PRO A 184 -12.75 -6.21 -30.09
CA PRO A 184 -12.43 -6.20 -31.52
C PRO A 184 -11.16 -5.50 -31.96
N TYR A 185 -11.06 -4.17 -31.72
CA TYR A 185 -9.92 -3.34 -32.16
C TYR A 185 -8.57 -3.76 -31.59
N TRP A 186 -8.59 -4.46 -30.46
CA TRP A 186 -7.35 -4.91 -29.80
C TRP A 186 -7.06 -6.43 -30.01
N MET A 187 -7.99 -7.16 -30.67
CA MET A 187 -7.84 -8.59 -30.94
C MET A 187 -6.75 -8.90 -31.97
N ALA A 188 -6.04 -9.99 -31.72
CA ALA A 188 -4.93 -10.50 -32.52
C ALA A 188 -5.52 -11.26 -33.68
N PRO A 189 -4.84 -11.32 -34.85
CA PRO A 189 -5.42 -12.04 -36.00
C PRO A 189 -5.85 -13.46 -35.65
N GLU A 190 -4.95 -14.25 -35.01
CA GLU A 190 -5.20 -15.64 -34.58
C GLU A 190 -6.41 -15.78 -33.65
N VAL A 191 -6.61 -14.80 -32.73
CA VAL A 191 -7.74 -14.85 -31.81
C VAL A 191 -9.05 -14.66 -32.58
N ILE A 192 -8.96 -14.20 -33.83
CA ILE A 192 -10.14 -14.12 -34.70
C ILE A 192 -10.23 -15.52 -35.45
N ALA A 193 -10.65 -16.52 -34.63
CA ALA A 193 -10.85 -17.96 -34.92
C ALA A 193 -12.34 -18.20 -34.79
N CYS A 194 -13.10 -17.41 -35.54
CA CYS A 194 -14.56 -17.42 -35.59
C CYS A 194 -15.01 -18.20 -36.83
N ASP A 195 -14.06 -18.43 -37.78
CA ASP A 195 -14.31 -19.10 -39.05
C ASP A 195 -13.48 -20.37 -39.22
N GLU A 196 -12.40 -20.55 -38.45
CA GLU A 196 -11.59 -21.77 -38.50
C GLU A 196 -12.10 -22.74 -37.42
N ASN A 197 -11.59 -23.98 -37.42
CA ASN A 197 -11.90 -25.02 -36.43
C ASN A 197 -10.73 -25.11 -35.43
N PRO A 198 -9.43 -25.18 -35.84
CA PRO A 198 -8.35 -25.11 -34.84
C PRO A 198 -8.01 -23.66 -34.45
N THR A 201 -6.50 -22.34 -32.59
CA THR A 201 -5.43 -22.44 -31.61
C THR A 201 -4.59 -21.14 -31.51
N TYR A 202 -4.37 -20.65 -30.29
CA TYR A 202 -3.53 -19.48 -30.01
C TYR A 202 -2.90 -19.58 -28.64
N ASP A 203 -2.05 -18.62 -28.27
CA ASP A 203 -1.40 -18.69 -26.95
C ASP A 203 -1.15 -17.29 -26.32
N PHE A 204 -0.13 -17.18 -25.42
CA PHE A 204 0.32 -15.98 -24.70
C PHE A 204 0.65 -14.83 -25.65
N LYS A 205 1.05 -15.18 -26.89
CA LYS A 205 1.43 -14.25 -27.94
C LYS A 205 0.31 -13.28 -28.25
N SER A 206 -0.96 -13.74 -28.17
CA SER A 206 -2.15 -12.93 -28.46
C SER A 206 -2.15 -11.61 -27.67
N ASP A 207 -1.72 -11.67 -26.39
CA ASP A 207 -1.58 -10.53 -25.47
C ASP A 207 -0.57 -9.52 -25.96
N LEU A 208 0.47 -10.00 -26.64
CA LEU A 208 1.55 -9.14 -27.15
C LEU A 208 1.10 -8.28 -28.32
N TRP A 209 0.12 -8.75 -29.13
CA TRP A 209 -0.47 -7.99 -30.24
C TRP A 209 -1.22 -6.78 -29.64
N SER A 210 -2.11 -7.07 -28.68
CA SER A 210 -2.95 -6.12 -27.95
C SER A 210 -2.10 -5.03 -27.32
N LEU A 211 -0.92 -5.39 -26.81
CA LEU A 211 0.04 -4.45 -26.26
C LEU A 211 0.51 -3.45 -27.36
N GLY A 212 0.73 -3.94 -28.58
CA GLY A 212 1.14 -3.12 -29.71
C GLY A 212 0.02 -2.18 -30.11
N ILE A 213 -1.23 -2.68 -30.06
CA ILE A 213 -2.42 -1.88 -30.36
C ILE A 213 -2.57 -0.78 -29.29
N THR A 214 -2.33 -1.12 -28.01
CA THR A 214 -2.43 -0.16 -26.92
C THR A 214 -1.27 0.83 -26.98
N ALA A 215 -0.08 0.42 -27.46
CA ALA A 215 1.02 1.38 -27.61
C ALA A 215 0.62 2.41 -28.69
N ILE A 216 -0.02 1.94 -29.77
CA ILE A 216 -0.55 2.80 -30.84
C ILE A 216 -1.68 3.67 -30.28
N GLU A 217 -2.50 3.12 -29.40
CA GLU A 217 -3.60 3.86 -28.78
C GLU A 217 -3.02 5.05 -28.00
N MET A 218 -1.94 4.84 -27.22
CA MET A 218 -1.24 5.86 -26.40
C MET A 218 -0.50 6.88 -27.29
N ALA A 219 -0.18 6.46 -28.50
CA ALA A 219 0.54 7.24 -29.48
C ALA A 219 -0.39 8.06 -30.36
N GLU A 220 -1.55 7.51 -30.76
CA GLU A 220 -2.45 8.16 -31.68
C GLU A 220 -3.81 8.62 -31.07
N GLY A 221 -4.05 8.23 -29.84
CA GLY A 221 -5.29 8.58 -29.16
C GLY A 221 -6.32 7.48 -29.20
N ALA A 222 -6.30 6.66 -30.29
CA ALA A 222 -7.23 5.57 -30.55
C ALA A 222 -6.55 4.35 -31.21
N PRO A 223 -7.12 3.11 -31.12
CA PRO A 223 -6.49 1.97 -31.80
C PRO A 223 -6.63 2.05 -33.33
N PRO A 224 -5.81 1.32 -34.12
CA PRO A 224 -6.04 1.33 -35.58
C PRO A 224 -7.44 0.76 -35.91
N LEU A 225 -8.12 1.34 -36.94
CA LEU A 225 -9.46 0.97 -37.44
C LEU A 225 -10.59 1.44 -36.50
N CYS A 226 -10.30 2.43 -35.63
CA CYS A 226 -11.24 3.04 -34.68
C CYS A 226 -12.51 3.55 -35.33
N ASP A 227 -12.36 4.12 -36.55
CA ASP A 227 -13.41 4.71 -37.37
C ASP A 227 -14.48 3.71 -37.90
N MET A 228 -14.16 2.41 -38.00
CA MET A 228 -15.09 1.39 -38.49
C MET A 228 -15.91 0.76 -37.39
N HIS A 229 -17.00 0.07 -37.79
CA HIS A 229 -17.86 -0.71 -36.90
C HIS A 229 -17.00 -1.91 -36.39
N PRO A 230 -17.17 -2.40 -35.13
CA PRO A 230 -16.34 -3.51 -34.65
C PRO A 230 -16.29 -4.71 -35.59
N MET A 231 -17.43 -4.98 -36.26
CA MET A 231 -17.64 -6.04 -37.24
C MET A 231 -16.75 -5.84 -38.47
N ARG A 232 -16.62 -4.59 -38.96
CA ARG A 232 -15.77 -4.23 -40.11
C ARG A 232 -14.33 -4.44 -39.73
N ALA A 233 -14.01 -4.11 -38.47
CA ALA A 233 -12.67 -4.25 -37.94
C ALA A 233 -12.33 -5.73 -37.84
N LEU A 234 -13.27 -6.52 -37.33
CA LEU A 234 -13.09 -7.96 -37.22
C LEU A 234 -12.71 -8.55 -38.57
N PHE A 235 -13.38 -8.09 -39.63
CA PHE A 235 -13.11 -8.48 -41.00
C PHE A 235 -11.72 -8.02 -41.47
N LEU A 236 -11.39 -6.72 -41.31
CA LEU A 236 -10.15 -6.12 -41.80
C LEU A 236 -8.86 -6.56 -41.12
N ILE A 237 -8.83 -6.70 -39.77
CA ILE A 237 -7.62 -7.06 -38.99
C ILE A 237 -6.84 -8.25 -39.65
N PRO A 238 -7.47 -9.43 -39.95
CA PRO A 238 -6.71 -10.49 -40.63
C PRO A 238 -6.16 -10.11 -42.03
N ARG A 239 -7.04 -9.55 -42.89
CA ARG A 239 -6.77 -9.19 -44.30
C ARG A 239 -5.78 -8.02 -44.52
N ASN A 240 -5.90 -6.91 -43.78
CA ASN A 240 -5.01 -5.74 -43.90
C ASN A 240 -3.63 -6.00 -43.31
N PRO A 241 -2.56 -5.31 -43.77
CA PRO A 241 -1.22 -5.56 -43.17
C PRO A 241 -1.12 -5.04 -41.73
N ALA A 242 -0.19 -5.61 -40.92
CA ALA A 242 0.01 -5.22 -39.51
C ALA A 242 0.13 -3.70 -39.38
N PRO A 243 -0.63 -3.07 -38.44
CA PRO A 243 -0.60 -1.60 -38.34
C PRO A 243 0.75 -1.04 -37.93
N ARG A 244 0.95 0.25 -38.19
CA ARG A 244 2.17 0.95 -37.82
C ARG A 244 1.80 2.38 -37.40
N LEU A 245 2.74 3.08 -36.73
CA LEU A 245 2.52 4.48 -36.31
C LEU A 245 2.48 5.33 -37.56
N LYS A 246 1.43 6.18 -37.72
CA LYS A 246 1.33 7.03 -38.92
C LYS A 246 2.38 8.14 -38.97
N SER A 247 2.89 8.57 -37.81
CA SER A 247 3.93 9.60 -37.74
C SER A 247 5.36 9.05 -37.85
N LYS A 248 6.25 9.85 -38.47
CA LYS A 248 7.67 9.53 -38.64
C LYS A 248 8.51 10.25 -37.55
N LYS A 249 7.83 11.09 -36.71
CA LYS A 249 8.40 11.84 -35.59
C LYS A 249 8.67 10.98 -34.34
N TRP A 250 8.11 9.73 -34.27
CA TRP A 250 8.34 8.78 -33.17
C TRP A 250 9.74 8.17 -33.38
N SER A 251 10.37 7.60 -32.32
CA SER A 251 11.73 7.03 -32.42
C SER A 251 11.81 5.84 -33.37
N LYS A 252 13.04 5.44 -33.72
CA LYS A 252 13.29 4.26 -34.55
C LYS A 252 13.05 3.03 -33.66
N LYS A 253 13.34 3.17 -32.34
CA LYS A 253 13.12 2.17 -31.29
C LYS A 253 11.61 1.86 -31.13
N PHE A 254 10.76 2.93 -31.08
CA PHE A 254 9.30 2.79 -30.95
C PHE A 254 8.71 2.15 -32.19
N GLN A 255 9.15 2.62 -33.38
CA GLN A 255 8.73 2.11 -34.68
C GLN A 255 9.14 0.62 -34.81
N SER A 256 10.29 0.24 -34.23
CA SER A 256 10.77 -1.14 -34.19
C SER A 256 9.90 -1.99 -33.22
N PHE A 257 9.60 -1.44 -32.01
CA PHE A 257 8.80 -2.10 -30.97
C PHE A 257 7.42 -2.50 -31.52
N ILE A 258 6.74 -1.56 -32.21
CA ILE A 258 5.44 -1.77 -32.86
C ILE A 258 5.58 -2.86 -33.92
N GLU A 259 6.68 -2.80 -34.72
CA GLU A 259 7.02 -3.76 -35.80
C GLU A 259 7.14 -5.21 -35.27
N SER A 260 7.76 -5.38 -34.07
CA SER A 260 7.95 -6.65 -33.37
C SER A 260 6.64 -7.15 -32.73
N CYS A 261 5.88 -6.23 -32.10
CA CYS A 261 4.59 -6.50 -31.42
C CYS A 261 3.52 -6.98 -32.40
N LEU A 262 3.42 -6.31 -33.56
CA LEU A 262 2.39 -6.55 -34.56
C LEU A 262 2.93 -7.29 -35.78
N VAL A 263 2.90 -8.61 -35.67
CA VAL A 263 3.34 -9.58 -36.66
C VAL A 263 2.11 -10.46 -36.75
N LYS A 264 1.38 -10.39 -37.88
CA LYS A 264 0.15 -11.15 -38.10
C LYS A 264 0.33 -12.65 -37.90
N ASN A 265 1.52 -13.19 -38.27
CA ASN A 265 1.88 -14.59 -38.08
C ASN A 265 2.48 -14.76 -36.67
N HIS A 266 1.67 -15.31 -35.73
CA HIS A 266 2.05 -15.49 -34.33
C HIS A 266 3.27 -16.40 -34.11
N SER A 267 3.48 -17.38 -35.01
CA SER A 267 4.62 -18.30 -35.01
C SER A 267 5.92 -17.50 -35.11
N GLN A 268 5.94 -16.48 -35.98
CA GLN A 268 7.08 -15.60 -36.19
C GLN A 268 7.12 -14.39 -35.21
N ARG A 269 6.02 -14.16 -34.45
CA ARG A 269 5.94 -13.07 -33.47
C ARG A 269 6.75 -13.40 -32.22
N PRO A 270 7.65 -12.49 -31.77
CA PRO A 270 8.48 -12.79 -30.59
C PRO A 270 7.71 -13.03 -29.29
N ALA A 271 8.22 -13.94 -28.44
CA ALA A 271 7.66 -14.29 -27.13
C ALA A 271 7.83 -13.13 -26.12
N THR A 272 7.16 -13.22 -24.96
CA THR A 272 7.20 -12.20 -23.91
C THR A 272 8.62 -11.89 -23.40
N GLU A 273 9.42 -12.94 -23.14
CA GLU A 273 10.79 -12.82 -22.65
C GLU A 273 11.69 -12.05 -23.63
N GLN A 274 11.61 -12.37 -24.94
CA GLN A 274 12.39 -11.69 -25.97
C GLN A 274 11.91 -10.26 -26.24
N LEU A 275 10.59 -10.02 -26.16
CA LEU A 275 10.01 -8.68 -26.35
C LEU A 275 10.45 -7.73 -25.21
N MET A 276 10.71 -8.28 -24.02
CA MET A 276 11.17 -7.55 -22.84
C MET A 276 12.60 -7.09 -23.02
N LYS A 277 13.38 -7.83 -23.85
CA LYS A 277 14.77 -7.54 -24.18
C LYS A 277 14.88 -6.35 -25.14
N HIS A 278 13.82 -6.09 -25.95
CA HIS A 278 13.76 -5.01 -26.94
C HIS A 278 14.26 -3.66 -26.40
N PRO A 279 15.12 -2.96 -27.18
CA PRO A 279 15.67 -1.67 -26.73
C PRO A 279 14.68 -0.58 -26.30
N PHE A 280 13.44 -0.58 -26.85
CA PHE A 280 12.44 0.43 -26.48
C PHE A 280 12.02 0.23 -25.01
N ILE A 281 12.00 -1.04 -24.56
CA ILE A 281 11.64 -1.46 -23.20
C ILE A 281 12.86 -1.47 -22.28
N ARG A 282 13.92 -2.19 -22.69
CA ARG A 282 15.15 -2.41 -21.94
C ARG A 282 15.97 -1.13 -21.77
N ASP A 283 16.34 -0.45 -22.89
CA ASP A 283 17.10 0.80 -22.83
C ASP A 283 16.16 1.96 -22.51
N GLN A 284 16.00 2.22 -21.22
CA GLN A 284 15.12 3.29 -20.76
C GLN A 284 15.70 4.05 -19.59
N PRO A 285 15.42 5.36 -19.50
CA PRO A 285 15.96 6.15 -18.37
C PRO A 285 15.31 5.86 -17.01
N ASN A 286 15.78 6.61 -16.00
CA ASN A 286 15.37 6.55 -14.60
C ASN A 286 13.88 6.27 -14.46
N GLU A 287 13.54 4.99 -14.21
CA GLU A 287 12.17 4.49 -14.02
C GLU A 287 11.40 5.36 -12.99
N ARG A 288 12.14 6.00 -12.06
CA ARG A 288 11.61 6.88 -11.02
C ARG A 288 11.32 8.28 -11.58
N GLN A 289 12.23 8.82 -12.43
CA GLN A 289 12.11 10.15 -13.05
C GLN A 289 10.90 10.24 -13.97
N VAL A 290 10.68 9.20 -14.83
CA VAL A 290 9.54 9.12 -15.75
C VAL A 290 8.24 9.00 -14.99
N ARG A 291 8.22 8.19 -13.91
CA ARG A 291 7.07 7.94 -13.06
C ARG A 291 6.63 9.25 -12.48
N ILE A 292 7.59 10.06 -11.98
CA ILE A 292 7.34 11.39 -11.38
C ILE A 292 6.84 12.36 -12.44
N GLN A 293 7.50 12.36 -13.63
CA GLN A 293 7.11 13.19 -14.78
C GLN A 293 5.66 12.91 -15.14
N LEU A 294 5.27 11.62 -15.18
CA LEU A 294 3.92 11.17 -15.49
C LEU A 294 2.98 11.62 -14.38
N LYS A 295 3.37 11.43 -13.09
CA LYS A 295 2.58 11.84 -11.93
C LYS A 295 2.26 13.33 -12.01
N ASP A 296 3.26 14.14 -12.40
CA ASP A 296 3.15 15.58 -12.58
C ASP A 296 2.13 15.91 -13.68
N HIS A 297 2.08 15.09 -14.77
CA HIS A 297 1.13 15.26 -15.89
C HIS A 297 -0.29 14.90 -15.49
N ILE A 298 -0.44 13.81 -14.70
CA ILE A 298 -1.72 13.33 -14.17
C ILE A 298 -2.39 14.53 -13.44
N ASP A 299 -1.60 15.24 -12.64
CA ASP A 299 -2.07 16.39 -11.88
C ASP A 299 -2.10 17.69 -12.73
N ARG A 300 -3.34 18.19 -12.93
CA ARG A 300 -3.68 19.42 -13.67
C ARG A 300 -5.11 19.92 -13.22
N THR A 301 -6.03 20.20 -14.18
CA THR A 301 -7.39 20.67 -13.89
C THR A 301 -8.35 19.52 -13.52
N ASP B 6 -12.23 15.12 35.81
CA ASP B 6 -13.28 16.00 35.32
C ASP B 6 -12.68 16.97 34.32
N LEU B 7 -13.18 16.93 33.07
CA LEU B 7 -12.70 17.79 31.98
C LEU B 7 -13.07 19.27 32.17
N SER B 8 -14.27 19.53 32.71
CA SER B 8 -14.76 20.88 32.99
C SER B 8 -13.96 21.62 34.07
N ALA B 9 -13.15 20.86 34.82
CA ALA B 9 -12.26 21.40 35.85
C ALA B 9 -10.92 21.92 35.26
N LEU B 10 -10.66 21.68 33.95
CA LEU B 10 -9.42 22.13 33.26
C LEU B 10 -9.50 23.57 32.81
N ARG B 11 -8.49 24.38 33.18
CA ARG B 11 -8.43 25.81 32.84
C ARG B 11 -8.07 26.09 31.38
N ASP B 12 -8.31 27.34 30.91
CA ASP B 12 -7.98 27.82 29.57
C ASP B 12 -6.47 28.02 29.54
N PRO B 13 -5.74 27.55 28.50
CA PRO B 13 -4.27 27.73 28.48
C PRO B 13 -3.82 29.16 28.11
N ALA B 14 -4.79 30.10 27.96
CA ALA B 14 -4.53 31.49 27.59
C ALA B 14 -3.66 32.23 28.59
N GLY B 15 -2.40 32.39 28.24
CA GLY B 15 -1.40 33.09 29.05
C GLY B 15 -0.48 32.19 29.84
N ILE B 16 -0.83 30.90 29.93
CA ILE B 16 -0.05 29.87 30.62
C ILE B 16 0.98 29.24 29.63
N PHE B 17 0.47 28.69 28.54
CA PHE B 17 1.22 28.08 27.44
C PHE B 17 0.77 28.70 26.13
N GLU B 18 1.63 28.64 25.11
CA GLU B 18 1.28 29.15 23.80
C GLU B 18 1.88 28.26 22.73
N LEU B 19 1.18 28.14 21.60
CA LEU B 19 1.66 27.34 20.48
C LEU B 19 2.67 28.17 19.66
N VAL B 20 3.83 27.57 19.31
CA VAL B 20 4.90 28.27 18.57
C VAL B 20 4.88 27.88 17.09
N GLU B 21 5.01 26.57 16.77
CA GLU B 21 4.98 26.06 15.40
C GLU B 21 4.45 24.63 15.33
N LEU B 22 3.86 24.24 14.20
CA LEU B 22 3.32 22.89 14.05
C LEU B 22 4.42 21.86 13.74
N VAL B 23 4.60 20.92 14.67
CA VAL B 23 5.58 19.85 14.57
C VAL B 23 5.07 18.81 13.57
N GLY B 24 3.82 18.40 13.75
CA GLY B 24 3.16 17.42 12.90
C GLY B 24 1.71 17.19 13.28
N ASN B 25 1.22 15.97 13.02
CA ASN B 25 -0.16 15.56 13.29
C ASN B 25 -0.21 14.18 13.96
N GLY B 26 -1.33 13.89 14.61
CA GLY B 26 -1.58 12.63 15.31
C GLY B 26 -2.97 12.07 15.08
N THR B 27 -3.44 11.22 16.02
CA THR B 27 -4.74 10.55 16.03
C THR B 27 -5.90 11.58 16.16
N TYR B 28 -6.36 12.14 15.00
CA TYR B 28 -7.42 13.18 14.86
C TYR B 28 -7.15 14.48 15.69
N GLY B 29 -5.86 14.77 15.92
CA GLY B 29 -5.36 15.94 16.65
C GLY B 29 -3.97 16.34 16.19
N GLN B 30 -3.68 17.64 16.25
CA GLN B 30 -2.41 18.19 15.80
C GLN B 30 -1.41 18.30 16.95
N VAL B 31 -0.09 18.23 16.63
CA VAL B 31 0.98 18.37 17.61
C VAL B 31 1.83 19.58 17.25
N TYR B 32 2.02 20.48 18.21
CA TYR B 32 2.75 21.71 18.05
C TYR B 32 3.94 21.75 18.99
N LYS B 33 4.93 22.57 18.65
CA LYS B 33 6.08 22.92 19.46
C LYS B 33 5.47 24.05 20.31
N GLY B 34 5.41 23.86 21.63
CA GLY B 34 4.83 24.82 22.54
C GLY B 34 5.83 25.49 23.43
N ARG B 35 5.42 26.60 24.05
CA ARG B 35 6.27 27.35 24.95
C ARG B 35 5.44 27.86 26.12
N HIS B 36 5.95 27.58 27.32
CA HIS B 36 5.39 28.07 28.56
C HIS B 36 5.76 29.54 28.51
N VAL B 37 4.74 30.39 28.63
CA VAL B 37 4.85 31.85 28.53
C VAL B 37 5.94 32.43 29.44
N LYS B 38 5.66 32.50 30.76
CA LYS B 38 6.51 33.06 31.82
C LYS B 38 7.95 32.52 31.84
N THR B 39 8.13 31.19 31.72
CA THR B 39 9.46 30.57 31.83
C THR B 39 10.23 30.42 30.52
N GLY B 40 9.55 30.43 29.37
CA GLY B 40 10.18 30.26 28.07
C GLY B 40 10.55 28.81 27.78
N GLN B 41 10.16 27.91 28.69
CA GLN B 41 10.43 26.48 28.61
C GLN B 41 9.55 25.80 27.57
N LEU B 42 10.14 24.87 26.78
CA LEU B 42 9.45 24.15 25.68
C LEU B 42 8.69 22.91 26.09
N ALA B 43 7.52 22.73 25.49
CA ALA B 43 6.66 21.57 25.70
C ALA B 43 6.00 21.06 24.39
N ALA B 44 5.49 19.82 24.41
CA ALA B 44 4.74 19.28 23.30
C ALA B 44 3.27 19.49 23.64
N ILE B 45 2.51 20.20 22.78
CA ILE B 45 1.08 20.39 23.04
C ILE B 45 0.21 19.72 21.95
N LYS B 46 -0.60 18.68 22.32
CA LYS B 46 -1.51 17.99 21.41
C LYS B 46 -2.87 18.62 21.53
N VAL B 47 -3.23 19.40 20.49
CA VAL B 47 -4.48 20.17 20.33
C VAL B 47 -5.58 19.35 19.55
N MET B 48 -6.61 18.88 20.29
CA MET B 48 -7.72 18.09 19.71
C MET B 48 -9.11 18.60 20.16
N ASP B 49 -10.10 18.61 19.22
CA ASP B 49 -11.47 19.04 19.48
C ASP B 49 -12.28 18.10 20.38
N VAL B 50 -13.02 18.68 21.36
CA VAL B 50 -13.86 17.95 22.31
C VAL B 50 -15.17 17.57 21.62
N THR B 51 -15.49 16.29 21.66
CA THR B 51 -16.70 15.73 21.06
C THR B 51 -17.12 14.63 22.03
N GLY B 52 -18.41 14.32 22.05
CA GLY B 52 -18.94 13.25 22.88
C GLY B 52 -18.61 11.90 22.30
N ASP B 53 -18.23 11.87 21.01
CA ASP B 53 -17.85 10.66 20.26
C ASP B 53 -16.42 10.22 20.66
N GLU B 54 -15.47 11.17 20.65
CA GLU B 54 -14.09 10.91 21.01
C GLU B 54 -13.86 11.00 22.55
N GLU B 55 -14.88 11.45 23.32
CA GLU B 55 -14.85 11.59 24.79
C GLU B 55 -14.34 10.36 25.54
N GLU B 56 -14.80 9.15 25.13
CA GLU B 56 -14.38 7.87 25.73
C GLU B 56 -12.88 7.62 25.53
N GLU B 57 -12.35 8.02 24.34
CA GLU B 57 -10.95 7.90 23.94
C GLU B 57 -10.05 9.00 24.57
N ILE B 58 -10.54 10.26 24.63
CA ILE B 58 -9.85 11.42 25.23
C ILE B 58 -9.55 11.16 26.70
N LYS B 59 -10.57 10.66 27.45
CA LYS B 59 -10.51 10.30 28.87
C LYS B 59 -9.41 9.28 29.19
N GLN B 60 -9.26 8.21 28.37
CA GLN B 60 -8.25 7.17 28.53
C GLN B 60 -6.83 7.69 28.31
N GLU B 61 -6.62 8.50 27.25
CA GLU B 61 -5.32 9.09 26.92
C GLU B 61 -4.78 9.98 28.08
N ILE B 62 -5.65 10.83 28.70
CA ILE B 62 -5.29 11.71 29.82
C ILE B 62 -5.04 10.91 31.08
N ASN B 63 -5.70 9.74 31.18
CA ASN B 63 -5.60 8.81 32.32
C ASN B 63 -4.24 8.09 32.34
N MET B 64 -3.89 7.41 31.25
CA MET B 64 -2.61 6.73 31.12
C MET B 64 -1.49 7.76 31.26
N LEU B 65 -1.61 8.91 30.56
CA LEU B 65 -0.65 10.03 30.58
C LEU B 65 -0.32 10.43 32.02
N LYS B 66 -1.34 10.70 32.83
CA LYS B 66 -1.14 11.08 34.24
C LYS B 66 -0.49 9.93 35.09
N LYS B 67 -0.94 8.67 34.88
CA LYS B 67 -0.50 7.46 35.59
C LYS B 67 0.89 6.90 35.27
N TYR B 68 1.28 6.82 33.99
CA TYR B 68 2.53 6.14 33.66
C TYR B 68 3.63 6.96 33.00
N SER B 69 3.35 8.22 32.59
CA SER B 69 4.35 9.06 31.93
C SER B 69 5.53 9.47 32.82
N HIS B 70 5.43 9.21 34.10
CA HIS B 70 6.48 9.64 34.99
C HIS B 70 7.73 8.76 34.88
N HIS B 71 7.67 7.67 34.08
CA HIS B 71 8.81 6.80 33.72
C HIS B 71 9.79 7.57 32.77
N ARG B 72 11.08 7.14 32.73
CA ARG B 72 12.15 7.80 31.94
C ARG B 72 12.09 7.55 30.44
N ASN B 73 11.43 6.46 30.00
CA ASN B 73 11.32 6.14 28.58
C ASN B 73 9.95 6.49 28.02
N ILE B 74 9.17 7.27 28.78
CA ILE B 74 7.85 7.75 28.40
C ILE B 74 7.81 9.27 28.56
N ALA B 75 7.50 10.02 27.46
CA ALA B 75 7.40 11.49 27.44
C ALA B 75 6.34 11.90 28.44
N THR B 76 6.80 12.58 29.51
CA THR B 76 6.07 12.96 30.71
C THR B 76 4.97 14.02 30.52
N TYR B 77 3.79 13.76 31.15
CA TYR B 77 2.58 14.60 31.15
C TYR B 77 2.79 15.79 32.07
N TYR B 78 2.60 17.01 31.57
CA TYR B 78 2.72 18.26 32.33
C TYR B 78 1.35 18.80 32.70
N GLY B 79 0.32 18.39 31.97
CA GLY B 79 -1.02 18.86 32.25
C GLY B 79 -1.90 18.99 31.03
N ALA B 80 -3.18 19.23 31.29
CA ALA B 80 -4.18 19.42 30.26
C ALA B 80 -4.86 20.79 30.42
N PHE B 81 -5.39 21.32 29.32
CA PHE B 81 -6.10 22.60 29.31
C PHE B 81 -7.24 22.51 28.34
N ILE B 82 -8.27 23.34 28.51
CA ILE B 82 -9.39 23.36 27.56
C ILE B 82 -9.67 24.79 27.09
N LYS B 83 -9.54 25.05 25.77
CA LYS B 83 -9.87 26.35 25.18
C LYS B 83 -11.39 26.37 24.99
N LYS B 84 -12.07 27.23 25.75
CA LYS B 84 -13.51 27.39 25.66
C LYS B 84 -13.85 28.35 24.51
N ASN B 85 -14.63 27.83 23.52
CA ASN B 85 -15.03 28.52 22.29
C ASN B 85 -16.53 28.72 22.22
N GLY B 88 -20.43 28.66 17.51
CA GLY B 88 -19.86 28.39 16.19
C GLY B 88 -18.76 27.34 16.20
N MET B 89 -17.77 27.49 17.10
CA MET B 89 -16.61 26.59 17.24
C MET B 89 -16.77 25.52 18.35
N ASP B 90 -15.97 24.44 18.24
CA ASP B 90 -15.86 23.32 19.18
C ASP B 90 -14.79 23.66 20.20
N ASP B 91 -14.98 23.20 21.45
CA ASP B 91 -14.02 23.37 22.55
C ASP B 91 -12.78 22.49 22.26
N GLN B 92 -11.55 23.06 22.24
CA GLN B 92 -10.35 22.25 21.95
C GLN B 92 -9.49 22.03 23.21
N LEU B 93 -9.11 20.77 23.43
CA LEU B 93 -8.35 20.33 24.56
C LEU B 93 -6.88 20.28 24.19
N TRP B 94 -6.01 20.65 25.13
CA TRP B 94 -4.57 20.64 24.91
C TRP B 94 -3.97 19.67 25.91
N LEU B 95 -3.14 18.77 25.43
CA LEU B 95 -2.45 17.81 26.29
C LEU B 95 -1.01 18.25 26.21
N VAL B 96 -0.47 18.70 27.34
CA VAL B 96 0.90 19.21 27.43
C VAL B 96 1.85 18.14 28.00
N MET B 97 2.92 17.79 27.26
CA MET B 97 3.94 16.79 27.64
C MET B 97 5.35 17.31 27.40
N GLU B 98 6.38 16.49 27.78
CA GLU B 98 7.75 16.93 27.56
C GLU B 98 8.10 16.98 26.11
N PHE B 99 8.76 18.10 25.76
CA PHE B 99 9.19 18.38 24.39
C PHE B 99 10.43 17.57 24.10
N CYS B 100 10.37 16.72 23.07
CA CYS B 100 11.48 15.88 22.65
C CYS B 100 12.06 16.50 21.38
N GLY B 101 13.06 17.35 21.61
CA GLY B 101 13.75 18.20 20.65
C GLY B 101 14.18 17.61 19.33
N ALA B 102 14.86 16.45 19.37
CA ALA B 102 15.41 15.79 18.17
C ALA B 102 14.39 15.14 17.21
N GLY B 103 13.14 15.07 17.62
CA GLY B 103 12.09 14.48 16.80
C GLY B 103 12.02 12.96 16.87
N SER B 104 11.30 12.35 15.91
CA SER B 104 11.10 10.91 15.89
C SER B 104 12.23 10.13 15.27
N VAL B 105 12.26 8.82 15.56
CA VAL B 105 13.19 7.84 15.04
C VAL B 105 12.95 7.81 13.52
N THR B 106 11.68 7.74 13.07
CA THR B 106 11.25 7.78 11.66
C THR B 106 11.86 8.98 10.90
N ASP B 107 11.87 10.18 11.52
CA ASP B 107 12.44 11.40 10.94
C ASP B 107 13.96 11.28 10.79
N LEU B 108 14.64 10.82 11.87
CA LEU B 108 16.07 10.60 11.92
C LEU B 108 16.51 9.71 10.78
N ILE B 109 15.73 8.66 10.49
CA ILE B 109 16.01 7.75 9.39
C ILE B 109 15.88 8.50 8.07
N LYS B 110 14.77 9.24 7.87
CA LYS B 110 14.51 10.03 6.66
C LYS B 110 15.68 10.97 6.39
N ASN B 111 16.11 11.75 7.41
CA ASN B 111 17.25 12.69 7.31
C ASN B 111 18.63 12.02 7.57
N THR B 112 18.85 10.84 6.98
CA THR B 112 20.09 10.07 7.10
C THR B 112 20.42 9.42 5.79
N LYS B 113 21.66 9.62 5.31
CA LYS B 113 22.19 9.04 4.09
C LYS B 113 22.10 7.51 4.19
N GLY B 114 21.40 6.91 3.23
CA GLY B 114 21.14 5.48 3.17
C GLY B 114 19.85 5.07 3.85
N ASN B 115 19.32 5.94 4.76
CA ASN B 115 18.10 5.76 5.56
C ASN B 115 18.22 4.51 6.43
N THR B 116 19.37 4.38 7.06
CA THR B 116 19.72 3.26 7.91
C THR B 116 20.45 3.84 9.10
N LEU B 117 20.37 3.15 10.22
CA LEU B 117 21.07 3.56 11.42
C LEU B 117 22.14 2.54 11.77
N LYS B 118 23.15 2.98 12.51
CA LYS B 118 24.25 2.12 12.96
C LYS B 118 23.65 1.11 13.95
N GLU B 119 23.97 -0.20 13.78
CA GLU B 119 23.40 -1.27 14.64
C GLU B 119 23.43 -0.95 16.14
N GLU B 120 24.52 -0.26 16.59
CA GLU B 120 24.77 0.19 17.96
C GLU B 120 23.60 1.07 18.42
N TRP B 121 23.13 1.98 17.53
CA TRP B 121 22.01 2.88 17.81
C TRP B 121 20.72 2.09 17.87
N ILE B 122 20.50 1.14 16.92
CA ILE B 122 19.28 0.31 16.91
C ILE B 122 19.17 -0.46 18.24
N ALA B 123 20.29 -1.08 18.70
CA ALA B 123 20.35 -1.81 19.97
C ALA B 123 20.02 -0.89 21.17
N TYR B 124 20.60 0.33 21.15
CA TYR B 124 20.39 1.33 22.18
C TYR B 124 18.91 1.72 22.21
N ILE B 125 18.37 2.22 21.07
CA ILE B 125 17.00 2.66 20.89
C ILE B 125 16.02 1.53 21.29
N CYS B 126 16.17 0.31 20.72
CA CYS B 126 15.33 -0.86 21.02
C CYS B 126 15.22 -1.15 22.53
N ARG B 127 16.36 -1.10 23.25
CA ARG B 127 16.44 -1.36 24.69
C ARG B 127 15.55 -0.38 25.46
N GLU B 128 15.64 0.91 25.12
CA GLU B 128 14.87 1.98 25.73
C GLU B 128 13.37 1.76 25.48
N ILE B 129 12.99 1.32 24.26
CA ILE B 129 11.60 0.99 23.92
C ILE B 129 11.16 -0.18 24.81
N LEU B 130 12.01 -1.23 24.95
CA LEU B 130 11.71 -2.38 25.80
C LEU B 130 11.57 -2.00 27.25
N ARG B 131 12.44 -1.10 27.76
CA ARG B 131 12.35 -0.59 29.12
C ARG B 131 11.00 0.10 29.32
N GLY B 132 10.63 0.99 28.38
CA GLY B 132 9.37 1.72 28.37
C GLY B 132 8.15 0.83 28.30
N LEU B 133 8.21 -0.25 27.47
CA LEU B 133 7.10 -1.19 27.32
C LEU B 133 6.98 -2.08 28.53
N SER B 134 8.13 -2.52 29.10
CA SER B 134 8.16 -3.34 30.31
C SER B 134 7.44 -2.62 31.43
N HIS B 135 7.62 -1.30 31.51
CA HIS B 135 6.94 -0.44 32.48
C HIS B 135 5.45 -0.56 32.31
N LEU B 136 4.94 -0.34 31.08
CA LEU B 136 3.50 -0.40 30.77
C LEU B 136 2.87 -1.79 30.93
N HIS B 137 3.56 -2.85 30.45
CA HIS B 137 3.09 -4.25 30.51
C HIS B 137 3.00 -4.75 31.92
N GLN B 138 3.97 -4.32 32.78
CA GLN B 138 3.97 -4.65 34.20
C GLN B 138 2.76 -3.93 34.87
N HIS B 139 2.33 -2.79 34.30
CA HIS B 139 1.21 -1.97 34.78
C HIS B 139 -0.10 -2.28 34.04
N LYS B 140 -0.18 -3.46 33.36
CA LYS B 140 -1.34 -3.97 32.61
C LYS B 140 -1.80 -3.01 31.48
N VAL B 141 -0.82 -2.48 30.70
CA VAL B 141 -1.07 -1.54 29.60
C VAL B 141 -0.47 -2.00 28.26
N ILE B 142 -1.30 -2.05 27.20
CA ILE B 142 -0.88 -2.38 25.83
C ILE B 142 -0.87 -1.05 25.08
N HIS B 143 0.26 -0.67 24.45
CA HIS B 143 0.40 0.60 23.71
C HIS B 143 -0.48 0.64 22.44
N ARG B 144 -0.41 -0.44 21.63
CA ARG B 144 -1.19 -0.70 20.41
C ARG B 144 -0.79 0.13 19.16
N ASP B 145 0.24 1.00 19.27
CA ASP B 145 0.69 1.83 18.14
C ASP B 145 2.19 2.12 18.21
N ILE B 146 2.95 1.05 18.40
CA ILE B 146 4.41 1.11 18.50
C ILE B 146 4.97 1.22 17.07
N LYS B 147 5.59 2.36 16.75
CA LYS B 147 6.18 2.67 15.44
C LYS B 147 7.25 3.75 15.59
N GLY B 148 8.13 3.89 14.62
CA GLY B 148 9.19 4.89 14.69
C GLY B 148 8.69 6.31 14.89
N GLN B 149 7.46 6.60 14.43
CA GLN B 149 6.82 7.91 14.53
C GLN B 149 6.39 8.21 15.94
N ASN B 150 6.24 7.14 16.75
CA ASN B 150 5.83 7.26 18.15
C ASN B 150 6.98 7.02 19.16
N VAL B 151 8.24 6.93 18.64
CA VAL B 151 9.47 6.78 19.44
C VAL B 151 10.28 8.03 19.15
N LEU B 152 10.37 8.90 20.16
CA LEU B 152 10.96 10.23 20.09
C LEU B 152 12.31 10.36 20.74
N LEU B 153 13.09 11.36 20.30
CA LEU B 153 14.43 11.63 20.83
C LEU B 153 14.54 13.04 21.39
N THR B 154 15.12 13.17 22.58
CA THR B 154 15.29 14.48 23.22
C THR B 154 16.58 15.09 22.65
N GLU B 155 16.92 16.33 23.09
CA GLU B 155 18.13 17.05 22.65
C GLU B 155 19.40 16.24 22.96
N ASN B 156 19.36 15.45 24.06
CA ASN B 156 20.46 14.63 24.57
C ASN B 156 20.36 13.16 24.14
N ALA B 157 19.66 12.92 23.01
CA ALA B 157 19.42 11.61 22.38
C ALA B 157 18.90 10.54 23.37
N GLU B 158 17.87 10.90 24.16
CA GLU B 158 17.22 9.98 25.11
C GLU B 158 15.94 9.53 24.43
N VAL B 159 15.57 8.27 24.62
CA VAL B 159 14.41 7.69 23.93
C VAL B 159 13.14 7.76 24.79
N LYS B 160 12.08 8.39 24.22
CA LYS B 160 10.77 8.59 24.84
C LYS B 160 9.64 8.07 23.97
N LEU B 161 8.64 7.38 24.58
CA LEU B 161 7.44 6.84 23.90
C LEU B 161 6.28 7.84 23.96
N VAL B 162 5.45 7.92 22.91
CA VAL B 162 4.33 8.87 22.82
C VAL B 162 3.05 8.24 22.27
N ASP B 163 1.93 9.01 22.31
CA ASP B 163 0.59 8.69 21.81
C ASP B 163 -0.05 7.48 22.51
N PHE B 164 -0.88 7.78 23.51
CA PHE B 164 -1.60 6.78 24.30
C PHE B 164 -3.06 6.69 23.80
N GLY B 165 -3.35 7.40 22.71
CA GLY B 165 -4.67 7.51 22.08
C GLY B 165 -5.36 6.23 21.64
N VAL B 166 -4.60 5.14 21.45
CA VAL B 166 -5.13 3.84 21.04
C VAL B 166 -4.79 2.73 22.08
N SER B 167 -4.15 3.12 23.22
CA SER B 167 -3.73 2.24 24.32
C SER B 167 -4.87 1.46 24.98
N ALA B 168 -4.52 0.40 25.74
CA ALA B 168 -5.46 -0.49 26.44
C ALA B 168 -5.12 -0.71 27.92
N GLN B 169 -6.18 -1.02 28.75
CA GLN B 169 -6.12 -1.39 30.18
C GLN B 169 -6.68 -2.81 30.43
N ARG B 177 -7.94 -8.99 24.50
CA ARG B 177 -8.38 -7.60 24.34
C ARG B 177 -9.17 -7.33 23.04
N ASN B 178 -8.71 -7.90 21.90
CA ASN B 178 -9.25 -7.83 20.52
C ASN B 178 -10.22 -6.64 20.15
N TPO B 179 -9.68 -5.53 19.57
CA TPO B 179 -10.44 -4.34 19.10
CB TPO B 179 -10.63 -3.00 19.97
CG2 TPO B 179 -11.38 -1.74 19.40
OG1 TPO B 179 -11.53 -3.27 21.05
P TPO B 179 -10.92 -3.03 22.42
O1P TPO B 179 -12.07 -3.34 23.38
O2P TPO B 179 -10.60 -1.53 22.57
O3P TPO B 179 -9.67 -3.96 22.72
C TPO B 179 -10.00 -3.91 17.66
O TPO B 179 -10.78 -3.21 16.99
N PHE B 180 -8.78 -4.33 17.18
CA PHE B 180 -8.23 -4.01 15.84
C PHE B 180 -8.01 -2.50 15.66
N ILE B 181 -6.83 -2.04 16.15
CA ILE B 181 -6.36 -0.66 16.07
C ILE B 181 -4.85 -0.63 16.02
N GLY B 182 -4.33 0.29 15.22
CA GLY B 182 -2.90 0.46 15.03
C GLY B 182 -2.52 0.93 13.64
N THR B 183 -1.25 0.72 13.27
CA THR B 183 -0.79 1.11 11.94
C THR B 183 -0.49 -0.14 11.15
N PRO B 184 -1.24 -0.35 10.03
CA PRO B 184 -1.11 -1.60 9.25
C PRO B 184 0.26 -2.28 9.23
N TYR B 185 1.32 -1.66 8.67
CA TYR B 185 2.66 -2.24 8.59
C TYR B 185 3.17 -2.84 9.90
N TRP B 186 2.93 -2.14 10.98
CA TRP B 186 3.42 -2.50 12.30
C TRP B 186 2.53 -3.49 13.04
N MET B 187 1.27 -3.65 12.58
CA MET B 187 0.31 -4.54 13.25
C MET B 187 0.77 -5.99 13.28
N ALA B 188 0.48 -6.64 14.41
CA ALA B 188 0.81 -8.01 14.71
C ALA B 188 -0.23 -8.90 14.04
N PRO B 189 0.10 -10.14 13.64
CA PRO B 189 -0.91 -10.99 12.97
C PRO B 189 -2.22 -11.08 13.77
N GLU B 190 -2.14 -11.40 15.09
CA GLU B 190 -3.27 -11.53 16.00
C GLU B 190 -4.13 -10.26 16.09
N VAL B 191 -3.49 -9.07 16.07
CA VAL B 191 -4.20 -7.80 16.13
C VAL B 191 -5.00 -7.59 14.86
N ILE B 192 -4.72 -8.39 13.81
CA ILE B 192 -5.53 -8.38 12.59
C ILE B 192 -6.69 -9.44 12.82
N ALA B 193 -7.64 -9.01 13.68
CA ALA B 193 -8.84 -9.67 14.18
C ALA B 193 -10.00 -8.86 13.64
N CYS B 194 -10.03 -8.73 12.31
CA CYS B 194 -10.99 -7.95 11.55
C CYS B 194 -12.17 -8.82 11.06
N ASP B 195 -12.07 -10.14 11.30
CA ASP B 195 -13.11 -11.15 11.03
C ASP B 195 -13.44 -11.94 12.37
N GLU B 196 -14.49 -11.49 13.16
CA GLU B 196 -14.95 -11.97 14.50
C GLU B 196 -14.43 -13.33 14.95
N TYR B 202 -5.44 -11.50 21.47
CA TYR B 202 -4.38 -10.50 21.47
C TYR B 202 -4.13 -9.90 22.87
N ASP B 203 -2.86 -9.74 23.25
CA ASP B 203 -2.43 -9.18 24.54
C ASP B 203 -1.17 -8.27 24.40
N PHE B 204 -0.40 -8.12 25.50
CA PHE B 204 0.80 -7.30 25.60
C PHE B 204 1.86 -7.66 24.54
N LYS B 205 1.85 -8.92 24.07
CA LYS B 205 2.76 -9.48 23.08
C LYS B 205 2.69 -8.74 21.74
N SER B 206 1.49 -8.20 21.39
CA SER B 206 1.25 -7.45 20.15
C SER B 206 2.27 -6.32 19.96
N ASP B 207 2.62 -5.62 21.07
CA ASP B 207 3.60 -4.54 21.12
C ASP B 207 4.99 -5.01 20.76
N LEU B 208 5.32 -6.26 21.10
CA LEU B 208 6.65 -6.83 20.84
C LEU B 208 6.88 -7.10 19.34
N TRP B 209 5.81 -7.39 18.57
CA TRP B 209 5.87 -7.58 17.11
C TRP B 209 6.26 -6.25 16.48
N SER B 210 5.51 -5.19 16.83
CA SER B 210 5.68 -3.81 16.37
C SER B 210 7.11 -3.31 16.63
N LEU B 211 7.70 -3.73 17.77
CA LEU B 211 9.07 -3.41 18.09
C LEU B 211 10.04 -4.04 17.04
N GLY B 212 9.74 -5.27 16.61
CA GLY B 212 10.54 -5.97 15.59
C GLY B 212 10.41 -5.29 14.25
N ILE B 213 9.18 -4.80 13.94
CA ILE B 213 8.92 -4.07 12.70
C ILE B 213 9.69 -2.74 12.75
N THR B 214 9.70 -2.06 13.91
CA THR B 214 10.41 -0.79 14.07
C THR B 214 11.93 -1.00 14.05
N ALA B 215 12.42 -2.14 14.53
CA ALA B 215 13.86 -2.42 14.45
C ALA B 215 14.22 -2.57 12.97
N ILE B 216 13.36 -3.24 12.18
CA ILE B 216 13.56 -3.39 10.74
C ILE B 216 13.41 -2.04 10.06
N GLU B 217 12.51 -1.18 10.56
CA GLU B 217 12.31 0.15 10.01
C GLU B 217 13.61 0.96 10.14
N MET B 218 14.27 0.90 11.32
CA MET B 218 15.55 1.58 11.63
C MET B 218 16.72 0.99 10.84
N ALA B 219 16.56 -0.27 10.41
CA ALA B 219 17.56 -1.03 9.68
C ALA B 219 17.42 -0.85 8.18
N GLU B 220 16.20 -0.79 7.65
CA GLU B 220 15.95 -0.73 6.22
C GLU B 220 15.37 0.61 5.71
N GLY B 221 15.01 1.49 6.63
CA GLY B 221 14.43 2.78 6.28
C GLY B 221 12.92 2.80 6.37
N ALA B 222 12.29 1.66 6.13
CA ALA B 222 10.84 1.48 6.10
C ALA B 222 10.43 0.10 6.66
N PRO B 223 9.16 -0.09 7.10
CA PRO B 223 8.75 -1.41 7.60
C PRO B 223 8.64 -2.45 6.47
N PRO B 224 8.65 -3.78 6.77
CA PRO B 224 8.44 -4.74 5.68
C PRO B 224 7.05 -4.56 5.04
N LEU B 225 7.00 -4.78 3.70
CA LEU B 225 5.81 -4.67 2.85
C LEU B 225 5.47 -3.21 2.51
N CYS B 226 6.41 -2.27 2.76
CA CYS B 226 6.25 -0.83 2.48
C CYS B 226 5.88 -0.56 1.01
N ASP B 227 6.43 -1.37 0.07
CA ASP B 227 6.28 -1.33 -1.39
C ASP B 227 4.81 -1.56 -1.84
N MET B 228 3.99 -2.15 -0.94
CA MET B 228 2.59 -2.49 -1.14
C MET B 228 1.69 -1.65 -0.27
N HIS B 229 0.48 -1.37 -0.78
CA HIS B 229 -0.61 -0.63 -0.13
C HIS B 229 -0.91 -1.21 1.27
N PRO B 230 -1.27 -0.38 2.31
CA PRO B 230 -1.56 -0.92 3.66
C PRO B 230 -2.56 -2.07 3.67
N MET B 231 -3.51 -2.03 2.71
CA MET B 231 -4.55 -3.04 2.47
C MET B 231 -3.95 -4.38 2.00
N ARG B 232 -3.01 -4.37 1.01
CA ARG B 232 -2.34 -5.60 0.54
C ARG B 232 -1.42 -6.14 1.64
N ALA B 233 -0.93 -5.24 2.52
CA ALA B 233 -0.11 -5.58 3.67
C ALA B 233 -1.01 -6.27 4.70
N LEU B 234 -2.19 -5.67 5.04
CA LEU B 234 -3.17 -6.24 5.96
C LEU B 234 -3.46 -7.69 5.59
N PHE B 235 -3.62 -7.94 4.28
CA PHE B 235 -3.85 -9.25 3.69
C PHE B 235 -2.62 -10.18 3.88
N LEU B 236 -1.41 -9.70 3.50
CA LEU B 236 -0.15 -10.47 3.52
C LEU B 236 0.40 -10.83 4.89
N ILE B 237 0.39 -9.89 5.86
CA ILE B 237 0.98 -10.08 7.20
C ILE B 237 0.57 -11.46 7.80
N PRO B 238 -0.74 -11.83 7.89
CA PRO B 238 -1.06 -13.16 8.44
C PRO B 238 -0.51 -14.34 7.62
N ARG B 239 -0.75 -14.33 6.27
CA ARG B 239 -0.36 -15.38 5.32
C ARG B 239 1.17 -15.58 5.10
N ASN B 240 1.96 -14.50 4.92
CA ASN B 240 3.40 -14.59 4.68
C ASN B 240 4.19 -14.98 5.94
N PRO B 241 5.39 -15.60 5.80
CA PRO B 241 6.22 -15.90 6.99
C PRO B 241 6.77 -14.64 7.64
N ALA B 242 7.06 -14.70 8.95
CA ALA B 242 7.57 -13.57 9.72
C ALA B 242 8.75 -12.88 9.02
N PRO B 243 8.71 -11.53 8.87
CA PRO B 243 9.80 -10.82 8.16
C PRO B 243 11.18 -10.97 8.80
N ARG B 244 12.22 -10.73 8.01
CA ARG B 244 13.59 -10.75 8.48
C ARG B 244 14.38 -9.65 7.75
N LEU B 245 15.58 -9.31 8.26
CA LEU B 245 16.45 -8.31 7.65
C LEU B 245 16.95 -8.86 6.32
N LYS B 246 16.81 -8.09 5.22
CA LYS B 246 17.23 -8.57 3.90
C LYS B 246 18.76 -8.66 3.76
N SER B 247 19.51 -7.88 4.55
CA SER B 247 20.97 -7.89 4.53
C SER B 247 21.58 -8.92 5.47
N LYS B 248 22.73 -9.49 5.04
CA LYS B 248 23.50 -10.49 5.79
C LYS B 248 24.65 -9.79 6.55
N LYS B 249 24.83 -8.47 6.31
CA LYS B 249 25.84 -7.60 6.93
C LYS B 249 25.52 -7.22 8.39
N TRP B 250 24.26 -7.40 8.84
CA TRP B 250 23.83 -7.14 10.23
C TRP B 250 24.33 -8.29 11.11
N SER B 251 24.44 -8.08 12.44
CA SER B 251 24.96 -9.12 13.35
C SER B 251 24.07 -10.38 13.42
N LYS B 252 24.62 -11.47 14.00
CA LYS B 252 23.88 -12.70 14.22
C LYS B 252 22.92 -12.45 15.39
N LYS B 253 23.33 -11.55 16.35
CA LYS B 253 22.52 -11.11 17.50
C LYS B 253 21.30 -10.34 17.04
N PHE B 254 21.47 -9.38 16.06
CA PHE B 254 20.37 -8.59 15.50
C PHE B 254 19.39 -9.47 14.74
N GLN B 255 19.93 -10.36 13.89
CA GLN B 255 19.19 -11.34 13.10
C GLN B 255 18.38 -12.27 14.03
N SER B 256 18.96 -12.60 15.21
CA SER B 256 18.31 -13.41 16.24
C SER B 256 17.18 -12.61 16.93
N PHE B 257 17.46 -11.32 17.29
CA PHE B 257 16.51 -10.43 17.95
C PHE B 257 15.21 -10.29 17.13
N ILE B 258 15.36 -10.03 15.81
CA ILE B 258 14.26 -9.91 14.86
C ILE B 258 13.49 -11.24 14.83
N GLU B 259 14.22 -12.39 14.80
CA GLU B 259 13.70 -13.77 14.78
C GLU B 259 12.79 -14.07 15.99
N SER B 260 13.19 -13.56 17.20
CA SER B 260 12.47 -13.70 18.47
C SER B 260 11.25 -12.76 18.52
N CYS B 261 11.42 -11.51 18.06
CA CYS B 261 10.39 -10.46 18.02
C CYS B 261 9.21 -10.83 17.12
N LEU B 262 9.53 -11.35 15.92
CA LEU B 262 8.57 -11.66 14.89
C LEU B 262 8.32 -13.16 14.76
N VAL B 263 7.35 -13.62 15.55
CA VAL B 263 6.88 -15.00 15.63
C VAL B 263 5.38 -14.79 15.45
N LYS B 264 4.84 -15.22 14.29
CA LYS B 264 3.43 -15.07 13.93
C LYS B 264 2.49 -15.66 15.00
N ASN B 265 2.89 -16.77 15.64
CA ASN B 265 2.15 -17.42 16.73
C ASN B 265 2.55 -16.74 18.06
N HIS B 266 1.68 -15.85 18.56
CA HIS B 266 1.91 -15.06 19.79
C HIS B 266 2.10 -15.90 21.05
N SER B 267 1.48 -17.10 21.11
CA SER B 267 1.61 -18.07 22.19
C SER B 267 3.09 -18.47 22.35
N GLN B 268 3.76 -18.72 21.20
CA GLN B 268 5.18 -19.09 21.15
C GLN B 268 6.12 -17.87 21.15
N ARG B 269 5.60 -16.63 20.96
CA ARG B 269 6.39 -15.40 20.96
C ARG B 269 6.81 -15.02 22.39
N PRO B 270 8.13 -14.77 22.63
CA PRO B 270 8.59 -14.45 23.99
C PRO B 270 7.99 -13.19 24.61
N ALA B 271 7.76 -13.21 25.94
CA ALA B 271 7.23 -12.09 26.73
C ALA B 271 8.26 -10.96 26.84
N THR B 272 7.84 -9.78 27.35
CA THR B 272 8.68 -8.59 27.49
C THR B 272 9.93 -8.82 28.36
N GLU B 273 9.75 -9.50 29.51
CA GLU B 273 10.83 -9.80 30.46
C GLU B 273 11.92 -10.67 29.82
N GLN B 274 11.52 -11.73 29.08
CA GLN B 274 12.46 -12.62 28.41
C GLN B 274 13.13 -11.98 27.18
N LEU B 275 12.40 -11.12 26.46
CA LEU B 275 12.93 -10.40 25.30
C LEU B 275 14.03 -9.40 25.73
N MET B 276 13.91 -8.87 26.97
CA MET B 276 14.85 -7.94 27.57
C MET B 276 16.16 -8.63 27.90
N LYS B 277 16.09 -9.95 28.15
CA LYS B 277 17.23 -10.82 28.46
C LYS B 277 18.09 -11.09 27.22
N HIS B 278 17.48 -11.01 26.01
CA HIS B 278 18.15 -11.27 24.73
C HIS B 278 19.51 -10.56 24.59
N PRO B 279 20.53 -11.29 24.11
CA PRO B 279 21.89 -10.70 23.98
C PRO B 279 22.02 -9.42 23.16
N PHE B 280 21.12 -9.17 22.17
CA PHE B 280 21.18 -7.94 21.36
C PHE B 280 20.86 -6.71 22.24
N ILE B 281 19.98 -6.90 23.23
CA ILE B 281 19.52 -5.89 24.20
C ILE B 281 20.42 -5.85 25.44
N ARG B 282 20.61 -7.02 26.09
CA ARG B 282 21.38 -7.20 27.32
C ARG B 282 22.88 -6.96 27.13
N ASP B 283 23.52 -7.69 26.19
CA ASP B 283 24.95 -7.52 25.91
C ASP B 283 25.13 -6.30 25.00
N GLN B 284 25.14 -5.12 25.62
CA GLN B 284 25.25 -3.83 24.95
C GLN B 284 26.16 -2.94 25.80
N PRO B 285 27.15 -2.24 25.20
CA PRO B 285 28.10 -1.49 26.04
C PRO B 285 27.69 -0.06 26.35
N ASN B 286 28.67 0.75 26.82
CA ASN B 286 28.53 2.10 27.33
C ASN B 286 27.31 2.84 26.79
N GLU B 287 26.20 2.74 27.54
CA GLU B 287 24.91 3.40 27.26
C GLU B 287 25.11 4.91 27.02
N ARG B 288 26.17 5.47 27.63
CA ARG B 288 26.59 6.88 27.55
C ARG B 288 27.32 7.15 26.24
N GLN B 289 28.23 6.23 25.79
CA GLN B 289 29.01 6.36 24.55
C GLN B 289 28.11 6.35 23.32
N VAL B 290 27.14 5.41 23.26
CA VAL B 290 26.17 5.28 22.16
C VAL B 290 25.24 6.50 22.10
N ARG B 291 24.69 6.94 23.27
CA ARG B 291 23.82 8.12 23.37
C ARG B 291 24.53 9.37 22.86
N ILE B 292 25.86 9.50 23.14
CA ILE B 292 26.69 10.63 22.67
C ILE B 292 26.90 10.51 21.16
N GLN B 293 27.25 9.29 20.69
CA GLN B 293 27.44 8.99 19.29
C GLN B 293 26.20 9.36 18.49
N LEU B 294 25.01 8.98 19.03
CA LEU B 294 23.71 9.26 18.44
C LEU B 294 23.45 10.74 18.45
N LYS B 295 23.70 11.41 19.60
CA LYS B 295 23.52 12.87 19.78
C LYS B 295 24.32 13.61 18.72
N ASP B 296 25.58 13.16 18.49
CA ASP B 296 26.49 13.72 17.50
C ASP B 296 25.89 13.59 16.09
N HIS B 297 25.22 12.44 15.80
CA HIS B 297 24.58 12.19 14.50
C HIS B 297 23.34 13.05 14.28
N ILE B 298 22.51 13.22 15.35
CA ILE B 298 21.31 14.06 15.36
C ILE B 298 21.71 15.48 14.99
N ASP B 299 22.73 16.00 15.71
CA ASP B 299 23.29 17.35 15.56
C ASP B 299 23.95 17.60 14.22
N ARG B 300 24.59 16.58 13.63
CA ARG B 300 25.23 16.68 12.31
C ARG B 300 24.21 16.93 11.19
N THR B 301 23.11 16.14 11.19
CA THR B 301 22.01 16.21 10.20
C THR B 301 21.35 17.61 10.09
N LYS B 302 20.96 18.24 11.23
CA LYS B 302 20.35 19.57 11.22
C LYS B 302 21.41 20.66 11.06
C1 JWE C . -11.86 -0.20 -13.08
C2 JWE C . -11.33 -1.34 -12.45
C3 JWE C . -10.37 -0.03 -10.80
C7 JWE C . -9.49 0.04 -9.69
C8 JWE C . -11.63 -2.71 -12.90
C9 JWE C . -11.25 -3.82 -12.13
C10 JWE C . -11.59 -5.10 -12.53
C11 JWE C . -12.63 -4.33 -14.36
C12 JWE C . -12.36 -2.95 -14.06
F JWE C . -13.30 -4.62 -15.49
N3 JWE C . -12.28 -5.37 -13.65
N JWE C . -10.56 -1.25 -11.36
N2 JWE C . -9.05 -1.10 -9.15
N1 JWE C . -9.23 1.23 -9.05
C6 JWE C . -9.70 2.37 -9.59
C5 JWE C . -10.47 2.40 -10.74
BR JWE C . -10.96 4.10 -11.47
C4 JWE C . -10.82 1.19 -11.40
C JWE C . -11.60 1.04 -12.58
MG MG D . 9.02 11.64 31.70
#